data_8ORG
#
_entry.id   8ORG
#
_cell.length_a   1.00
_cell.length_b   1.00
_cell.length_c   1.00
_cell.angle_alpha   90.00
_cell.angle_beta   90.00
_cell.angle_gamma   90.00
#
_symmetry.space_group_name_H-M   'P 1'
#
_entity_poly.entity_id   1
_entity_poly.type   'polypeptide(L)'
_entity_poly.pdbx_seq_one_letter_code
;MAEPRQEFEVMEDHAGTYGLGDRKDQGGYTMHQDQEGDTDAGLKESPLQTPTEDGSEEPGSETSDAKSTPTAEAEEAGIG
DTPSLEDEAAGHVTQARMVSKSKDGTGSDDKKAKGADGKTKIATPRGAAPPGQKGQANATRIPAKTPPAPKTPPSSGEPP
KSGDRSGYSSPGSPGTPGSRSRTPSLPTPPTREPKKVAVVRTPPKSPSSAKSRLQTAPVPMPDLKNVKSKIGSTENLKHQ
PGGGKVQIINKKLDLSNVQSKCGSKDNIKHVPGGGSVQIVYKPVDLSKVTSKCGSLGNIHHKPGGGQVEVKSEKLDFKDR
VQSKIGSLDNITHVPGGGNKKIETHKLTFRENAKAKTDHGAEIVYKSPVVSGDTSPRHLSNVSSTGSIDMVDSPQLATLA
DEVSASLAKQGL
;
_entity_poly.pdbx_strand_id   B,A,C
#
# COMPACT_ATOMS: atom_id res chain seq x y z
N ILE A 248 -15.88 -41.93 -11.27
CA ILE A 248 -15.47 -40.54 -11.19
C ILE A 248 -14.04 -40.39 -11.69
N ILE A 249 -13.85 -39.50 -12.66
CA ILE A 249 -12.53 -38.99 -13.05
C ILE A 249 -12.55 -37.49 -12.82
N ASN A 250 -11.62 -37.01 -12.00
CA ASN A 250 -11.38 -35.60 -11.78
C ASN A 250 -9.97 -35.24 -12.25
N LYS A 251 -9.87 -34.33 -13.22
CA LYS A 251 -8.61 -33.93 -13.83
C LYS A 251 -8.56 -32.42 -13.89
N LYS A 252 -7.50 -31.80 -13.36
CA LYS A 252 -7.25 -30.38 -13.59
C LYS A 252 -5.78 -30.03 -13.83
N LEU A 253 -5.58 -29.00 -14.65
CA LEU A 253 -4.35 -28.23 -14.70
C LEU A 253 -4.60 -26.88 -14.03
N ASP A 254 -3.92 -26.65 -12.92
CA ASP A 254 -3.99 -25.40 -12.17
C ASP A 254 -2.73 -24.60 -12.43
N LEU A 255 -2.84 -23.67 -13.37
CA LEU A 255 -1.75 -22.81 -13.83
C LEU A 255 -2.03 -21.35 -13.45
N SER A 256 -2.79 -21.18 -12.37
CA SER A 256 -3.40 -19.93 -11.95
C SER A 256 -2.47 -19.09 -11.08
N ASN A 257 -2.84 -17.82 -10.91
CA ASN A 257 -2.25 -16.91 -9.95
C ASN A 257 -3.37 -16.37 -9.07
N VAL A 258 -3.21 -16.45 -7.75
CA VAL A 258 -4.24 -16.06 -6.80
C VAL A 258 -3.65 -15.19 -5.70
N GLN A 259 -4.29 -14.05 -5.44
CA GLN A 259 -4.20 -13.33 -4.18
C GLN A 259 -5.56 -13.38 -3.49
N SER A 260 -5.59 -13.83 -2.24
CA SER A 260 -6.82 -13.94 -1.47
C SER A 260 -6.68 -13.34 -0.09
N LYS A 261 -7.62 -12.46 0.27
CA LYS A 261 -7.67 -11.77 1.56
C LYS A 261 -6.38 -11.03 1.88
N CYS A 262 -5.65 -10.63 0.87
CA CYS A 262 -4.39 -9.93 1.03
C CYS A 262 -4.59 -8.44 1.27
N GLY A 263 -3.77 -7.88 2.14
CA GLY A 263 -3.79 -6.45 2.40
C GLY A 263 -5.07 -5.91 2.97
N SER A 264 -5.83 -6.71 3.71
CA SER A 264 -7.18 -6.38 4.13
C SER A 264 -7.29 -6.23 5.65
N LYS A 265 -8.34 -5.52 6.06
CA LYS A 265 -8.70 -5.28 7.46
C LYS A 265 -7.58 -4.59 8.26
N ASP A 266 -6.76 -3.79 7.60
CA ASP A 266 -5.81 -2.97 8.35
C ASP A 266 -6.54 -1.85 9.07
N ASN A 267 -6.17 -1.64 10.34
CA ASN A 267 -6.67 -0.58 11.19
C ASN A 267 -5.60 0.50 11.36
N ILE A 268 -5.74 1.62 10.63
CA ILE A 268 -4.70 2.63 10.49
C ILE A 268 -5.14 3.92 11.19
N LYS A 269 -4.39 4.31 12.22
CA LYS A 269 -4.70 5.48 13.04
C LYS A 269 -3.50 6.42 13.03
N HIS A 270 -3.76 7.71 12.77
CA HIS A 270 -2.78 8.79 12.94
C HIS A 270 -3.40 9.87 13.82
N VAL A 271 -2.89 10.06 15.03
CA VAL A 271 -3.45 10.99 16.03
C VAL A 271 -2.38 11.94 16.58
N PRO A 272 -1.80 12.80 15.75
CA PRO A 272 -0.74 13.69 16.21
C PRO A 272 -1.26 14.91 16.95
N GLY A 273 -0.38 15.47 17.78
CA GLY A 273 -0.55 16.85 18.19
C GLY A 273 -0.38 17.78 17.01
N GLY A 274 0.77 17.75 16.35
CA GLY A 274 0.91 18.45 15.10
C GLY A 274 2.25 18.20 14.44
N GLY A 275 2.32 18.55 13.16
CA GLY A 275 3.56 18.49 12.43
C GLY A 275 4.05 17.08 12.21
N SER A 276 3.20 16.21 11.66
CA SER A 276 3.48 14.79 11.64
C SER A 276 2.94 14.15 10.36
N VAL A 277 3.65 13.13 9.90
CA VAL A 277 3.35 12.43 8.67
C VAL A 277 3.22 10.94 8.98
N GLN A 278 2.13 10.33 8.54
CA GLN A 278 2.02 8.88 8.46
C GLN A 278 1.80 8.48 7.02
N ILE A 279 2.67 7.63 6.47
CA ILE A 279 2.46 7.03 5.16
C ILE A 279 2.37 5.52 5.32
N VAL A 280 1.24 4.95 4.92
CA VAL A 280 1.10 3.50 4.76
C VAL A 280 1.03 3.23 3.27
N TYR A 281 2.08 2.62 2.73
CA TYR A 281 2.15 2.30 1.31
C TYR A 281 1.85 0.81 1.17
N LYS A 282 0.66 0.47 0.69
CA LYS A 282 0.19 -0.92 0.73
C LYS A 282 -0.55 -1.38 -0.51
N PRO A 283 0.02 -1.23 -1.70
CA PRO A 283 -0.64 -1.72 -2.91
C PRO A 283 -0.73 -3.24 -2.88
N VAL A 284 -1.81 -3.76 -3.45
CA VAL A 284 -1.93 -5.18 -3.74
C VAL A 284 -1.94 -5.37 -5.25
N ASP A 285 -0.86 -5.96 -5.78
CA ASP A 285 -0.60 -6.03 -7.21
C ASP A 285 -0.43 -7.49 -7.61
N LEU A 286 -1.21 -7.93 -8.59
CA LEU A 286 -0.98 -9.18 -9.31
C LEU A 286 -0.63 -8.86 -10.76
N SER A 287 0.60 -9.18 -11.16
CA SER A 287 1.10 -8.97 -12.51
C SER A 287 1.47 -10.29 -13.18
N LYS A 288 0.85 -10.60 -14.32
CA LYS A 288 1.31 -11.64 -15.23
C LYS A 288 1.77 -11.00 -16.53
N VAL A 289 3.04 -11.23 -16.90
CA VAL A 289 3.68 -10.63 -18.06
C VAL A 289 4.35 -11.74 -18.88
N THR A 290 3.97 -11.88 -20.16
CA THR A 290 4.52 -12.91 -21.05
C THR A 290 5.06 -12.30 -22.36
N SER A 291 6.11 -11.48 -22.24
CA SER A 291 6.75 -10.85 -23.38
C SER A 291 7.55 -11.84 -24.23
N LYS A 292 7.21 -11.95 -25.52
CA LYS A 292 7.93 -12.78 -26.49
C LYS A 292 8.51 -11.87 -27.57
N CYS A 293 9.83 -11.91 -27.77
CA CYS A 293 10.54 -10.99 -28.66
C CYS A 293 11.47 -11.70 -29.62
N GLY A 294 11.04 -11.83 -30.88
CA GLY A 294 11.83 -12.46 -31.91
C GLY A 294 12.52 -11.46 -32.82
N SER A 295 13.23 -11.99 -33.82
CA SER A 295 13.93 -11.25 -34.86
C SER A 295 14.83 -10.13 -34.31
N LEU A 296 14.63 -8.87 -34.68
CA LEU A 296 15.33 -7.73 -34.10
C LEU A 296 14.39 -6.80 -33.34
N GLY A 297 13.30 -7.34 -32.82
CA GLY A 297 12.36 -6.56 -32.06
C GLY A 297 12.93 -6.05 -30.76
N ASN A 298 12.25 -5.05 -30.20
CA ASN A 298 12.47 -4.60 -28.84
C ASN A 298 11.14 -4.59 -28.11
N ILE A 299 11.15 -5.09 -26.88
CA ILE A 299 10.08 -4.89 -25.91
C ILE A 299 10.65 -4.11 -24.73
N HIS A 300 10.06 -2.96 -24.44
CA HIS A 300 10.29 -2.21 -23.21
C HIS A 300 9.03 -2.34 -22.36
N HIS A 301 9.18 -2.96 -21.19
CA HIS A 301 8.09 -3.13 -20.22
C HIS A 301 8.41 -2.35 -18.96
N LYS A 302 7.92 -1.11 -18.88
CA LYS A 302 8.30 -0.17 -17.83
C LYS A 302 7.08 0.52 -17.19
N PRO A 303 6.05 -0.23 -16.77
CA PRO A 303 4.93 0.41 -16.08
C PRO A 303 5.37 1.12 -14.80
N GLY A 304 4.74 2.25 -14.55
CA GLY A 304 5.12 3.06 -13.40
C GLY A 304 4.78 2.43 -12.07
N GLY A 305 5.64 2.69 -11.08
CA GLY A 305 5.36 2.41 -9.70
C GLY A 305 4.68 3.56 -8.98
N GLY A 306 4.22 3.28 -7.77
CA GLY A 306 3.70 4.32 -6.90
C GLY A 306 4.78 5.26 -6.39
N GLN A 307 4.53 6.56 -6.47
CA GLN A 307 5.36 7.60 -5.86
C GLN A 307 4.54 8.37 -4.83
N VAL A 308 5.04 8.42 -3.60
CA VAL A 308 4.49 9.28 -2.56
C VAL A 308 5.59 10.24 -2.10
N GLU A 309 5.32 11.54 -2.26
CA GLU A 309 6.23 12.59 -1.81
C GLU A 309 5.47 13.54 -0.90
N VAL A 310 6.00 13.74 0.31
CA VAL A 310 5.55 14.77 1.24
C VAL A 310 6.70 15.73 1.47
N LYS A 311 6.48 17.01 1.19
CA LYS A 311 7.47 18.05 1.40
C LYS A 311 6.88 19.13 2.30
N SER A 312 7.57 19.42 3.42
CA SER A 312 7.32 20.61 4.20
C SER A 312 8.54 21.52 4.10
N GLU A 313 8.35 22.72 3.53
CA GLU A 313 9.47 23.64 3.39
C GLU A 313 9.72 24.45 4.65
N LYS A 314 8.67 25.05 5.22
CA LYS A 314 8.74 25.69 6.53
C LYS A 314 7.51 25.35 7.33
N LEU A 315 7.71 25.08 8.62
CA LEU A 315 6.60 24.80 9.53
C LEU A 315 6.97 25.23 10.94
N ASP A 316 6.20 26.16 11.52
CA ASP A 316 6.46 26.71 12.83
C ASP A 316 5.24 26.54 13.73
N PHE A 317 5.48 26.07 14.95
CA PHE A 317 4.53 26.10 16.06
C PHE A 317 5.07 27.03 17.14
N LYS A 318 4.35 28.11 17.41
CA LYS A 318 4.85 29.17 18.26
C LYS A 318 4.29 29.08 19.67
N ASP A 319 3.44 28.10 19.97
CA ASP A 319 2.95 27.85 21.30
C ASP A 319 2.81 26.35 21.48
N ARG A 320 2.32 25.94 22.64
CA ARG A 320 2.31 24.53 23.03
C ARG A 320 1.52 23.68 22.05
N VAL A 321 2.09 22.53 21.70
CA VAL A 321 1.42 21.47 20.96
C VAL A 321 1.15 20.36 21.94
N GLN A 322 -0.12 20.04 22.14
CA GLN A 322 -0.56 19.27 23.31
C GLN A 322 -1.64 18.30 22.88
N SER A 323 -1.40 17.00 23.07
CA SER A 323 -2.41 15.97 22.90
C SER A 323 -2.69 15.25 24.21
N LYS A 324 -3.96 15.15 24.58
CA LYS A 324 -4.42 14.36 25.71
C LYS A 324 -5.39 13.31 25.19
N ILE A 325 -5.03 12.03 25.34
CA ILE A 325 -5.83 10.93 24.83
C ILE A 325 -6.22 10.03 26.00
N GLY A 326 -7.52 9.91 26.23
CA GLY A 326 -8.01 8.94 27.17
C GLY A 326 -7.96 7.52 26.64
N SER A 327 -8.45 7.33 25.43
CA SER A 327 -8.26 6.09 24.70
C SER A 327 -8.46 6.35 23.21
N LEU A 328 -8.09 5.36 22.41
CA LEU A 328 -8.54 5.23 21.03
C LEU A 328 -9.17 3.86 20.88
N ASP A 329 -10.21 3.78 20.04
CA ASP A 329 -10.63 2.54 19.36
C ASP A 329 -10.92 1.40 20.33
N ASN A 330 -11.85 1.62 21.27
CA ASN A 330 -12.19 0.52 22.17
C ASN A 330 -13.09 -0.52 21.50
N ILE A 331 -12.87 -1.78 21.89
CA ILE A 331 -13.70 -2.94 21.59
C ILE A 331 -14.00 -3.73 22.85
N THR A 332 -15.21 -4.28 22.93
CA THR A 332 -15.70 -4.99 24.11
C THR A 332 -16.69 -6.06 23.65
N HIS A 333 -16.68 -7.18 24.38
CA HIS A 333 -17.57 -8.31 24.14
C HIS A 333 -18.22 -8.72 25.45
N ILE B 248 -12.65 -44.11 -8.39
CA ILE B 248 -12.23 -42.72 -8.33
C ILE B 248 -10.79 -42.60 -8.84
N ILE B 249 -10.60 -41.72 -9.82
CA ILE B 249 -9.29 -41.23 -10.22
C ILE B 249 -9.28 -39.72 -10.02
N ASN B 250 -8.34 -39.25 -9.20
CA ASN B 250 -8.09 -37.82 -9.01
C ASN B 250 -6.68 -37.48 -9.48
N LYS B 251 -6.58 -36.60 -10.46
CA LYS B 251 -5.33 -36.21 -11.09
C LYS B 251 -5.26 -34.69 -11.18
N LYS B 252 -4.18 -34.09 -10.66
CA LYS B 252 -3.92 -32.67 -10.90
C LYS B 252 -2.46 -32.34 -11.16
N LEU B 253 -2.26 -31.32 -11.98
CA LEU B 253 -1.01 -30.56 -12.05
C LEU B 253 -1.24 -29.20 -11.41
N ASP B 254 -0.56 -28.96 -10.29
CA ASP B 254 -0.62 -27.70 -9.56
C ASP B 254 0.66 -26.92 -9.85
N LEU B 255 0.55 -26.00 -10.79
CA LEU B 255 1.64 -25.15 -11.27
C LEU B 255 1.36 -23.70 -10.90
N SER B 256 0.63 -23.49 -9.82
CA SER B 256 0.02 -22.24 -9.40
C SER B 256 0.97 -21.40 -8.55
N ASN B 257 0.61 -20.13 -8.41
CA ASN B 257 1.21 -19.21 -7.45
C ASN B 257 0.11 -18.64 -6.58
N VAL B 258 0.28 -18.72 -5.26
CA VAL B 258 -0.75 -18.29 -4.31
C VAL B 258 -0.14 -17.42 -3.22
N GLN B 259 -0.77 -16.28 -2.98
CA GLN B 259 -0.68 -15.54 -1.72
C GLN B 259 -2.02 -15.56 -1.02
N SER B 260 -2.05 -16.00 0.24
CA SER B 260 -3.29 -16.08 1.00
C SER B 260 -3.13 -15.46 2.38
N LYS B 261 -4.06 -14.59 2.73
CA LYS B 261 -4.10 -13.88 4.01
C LYS B 261 -2.80 -13.14 4.33
N CYS B 262 -2.07 -12.75 3.30
CA CYS B 262 -0.80 -12.07 3.44
C CYS B 262 -1.00 -10.58 3.67
N GLY B 263 -0.16 -10.01 4.53
CA GLY B 263 -0.17 -8.58 4.77
C GLY B 263 -1.45 -8.02 5.34
N SER B 264 -2.20 -8.80 6.09
CA SER B 264 -3.55 -8.46 6.51
C SER B 264 -3.65 -8.28 8.03
N LYS B 265 -4.69 -7.56 8.44
CA LYS B 265 -5.04 -7.30 9.85
C LYS B 265 -3.91 -6.62 10.62
N ASP B 266 -3.08 -5.82 9.95
CA ASP B 266 -2.12 -5.00 10.68
C ASP B 266 -2.84 -3.86 11.40
N ASN B 267 -2.46 -3.65 12.67
CA ASN B 267 -2.95 -2.57 13.50
C ASN B 267 -1.86 -1.50 13.65
N ILE B 268 -1.99 -0.40 12.90
CA ILE B 268 -0.95 0.61 12.76
C ILE B 268 -1.37 1.91 13.44
N LYS B 269 -0.61 2.31 14.46
CA LYS B 269 -0.91 3.49 15.27
C LYS B 269 0.29 4.42 15.24
N HIS B 270 0.05 5.71 14.96
CA HIS B 270 1.04 6.78 15.10
C HIS B 270 0.44 7.88 15.98
N VAL B 271 0.96 8.09 17.19
CA VAL B 271 0.40 9.03 18.18
C VAL B 271 1.48 9.97 18.71
N PRO B 272 2.07 10.82 17.87
CA PRO B 272 3.15 11.70 18.31
C PRO B 272 2.63 12.94 19.04
N GLY B 273 3.52 13.50 19.86
CA GLY B 273 3.37 14.89 20.25
C GLY B 273 3.53 15.80 19.06
N GLY B 274 4.68 15.74 18.39
CA GLY B 274 4.83 16.42 17.13
C GLY B 274 6.17 16.16 16.47
N GLY B 275 6.23 16.50 15.19
CA GLY B 275 7.47 16.42 14.45
C GLY B 275 7.93 15.00 14.24
N SER B 276 7.08 14.14 13.71
CA SER B 276 7.34 12.71 13.70
C SER B 276 6.79 12.06 12.44
N VAL B 277 7.49 11.02 11.98
CA VAL B 277 7.18 10.31 10.76
C VAL B 277 7.03 8.83 11.09
N GLN B 278 5.93 8.22 10.67
CA GLN B 278 5.81 6.77 10.61
C GLN B 278 5.58 6.36 9.17
N ILE B 279 6.44 5.50 8.63
CA ILE B 279 6.22 4.88 7.33
C ILE B 279 6.11 3.37 7.51
N VAL B 280 4.98 2.80 7.13
CA VAL B 280 4.83 1.36 6.97
C VAL B 280 4.75 1.07 5.49
N TYR B 281 5.78 0.44 4.95
CA TYR B 281 5.85 0.11 3.54
C TYR B 281 5.54 -1.38 3.42
N LYS B 282 4.33 -1.71 2.94
CA LYS B 282 3.86 -3.10 3.01
C LYS B 282 3.10 -3.57 1.77
N PRO B 283 3.67 -3.44 0.58
CA PRO B 283 3.00 -3.95 -0.61
C PRO B 283 2.89 -5.46 -0.56
N VAL B 284 1.81 -5.99 -1.13
CA VAL B 284 1.67 -7.40 -1.39
C VAL B 284 1.65 -7.61 -2.90
N ASP B 285 2.72 -8.22 -3.42
CA ASP B 285 2.97 -8.30 -4.85
C ASP B 285 3.13 -9.77 -5.25
N LEU B 286 2.35 -10.21 -6.22
CA LEU B 286 2.54 -11.49 -6.92
C LEU B 286 2.89 -11.18 -8.37
N SER B 287 4.12 -11.51 -8.78
CA SER B 287 4.62 -11.32 -10.14
C SER B 287 4.97 -12.66 -10.78
N LYS B 288 4.34 -12.97 -11.93
CA LYS B 288 4.79 -14.03 -12.82
C LYS B 288 5.25 -13.41 -14.13
N VAL B 289 6.51 -13.65 -14.50
CA VAL B 289 7.15 -13.09 -15.68
C VAL B 289 7.80 -14.21 -16.48
N THR B 290 7.42 -14.35 -17.76
CA THR B 290 7.95 -15.40 -18.65
C THR B 290 8.49 -14.81 -19.96
N SER B 291 9.55 -14.00 -19.86
CA SER B 291 10.19 -13.39 -21.01
C SER B 291 10.97 -14.41 -21.86
N LYS B 292 10.63 -14.53 -23.14
CA LYS B 292 11.34 -15.36 -24.10
C LYS B 292 11.93 -14.47 -25.20
N CYS B 293 13.23 -14.54 -25.40
CA CYS B 293 13.94 -13.63 -26.30
C CYS B 293 14.87 -14.36 -27.26
N GLY B 294 14.43 -14.50 -28.52
CA GLY B 294 15.21 -15.15 -29.55
C GLY B 294 15.90 -14.16 -30.48
N SER B 295 16.59 -14.72 -31.47
CA SER B 295 17.31 -14.00 -32.53
C SER B 295 18.21 -12.89 -31.98
N LEU B 296 18.02 -11.62 -32.38
CA LEU B 296 18.73 -10.48 -31.81
C LEU B 296 17.81 -9.53 -31.07
N GLY B 297 16.72 -10.06 -30.53
CA GLY B 297 15.78 -9.26 -29.77
C GLY B 297 16.37 -8.73 -28.48
N ASN B 298 15.71 -7.72 -27.94
CA ASN B 298 15.93 -7.26 -26.57
C ASN B 298 14.61 -7.22 -25.85
N ILE B 299 14.61 -7.71 -24.60
CA ILE B 299 13.56 -7.49 -23.63
C ILE B 299 14.14 -6.71 -22.47
N HIS B 300 13.56 -5.55 -22.19
CA HIS B 300 13.81 -4.79 -20.97
C HIS B 300 12.56 -4.90 -20.11
N HIS B 301 12.69 -5.50 -18.93
CA HIS B 301 11.61 -5.64 -17.96
C HIS B 301 11.95 -4.85 -16.71
N LYS B 302 11.47 -3.61 -16.64
CA LYS B 302 11.86 -2.66 -15.59
C LYS B 302 10.66 -1.96 -14.96
N PRO B 303 9.62 -2.69 -14.53
CA PRO B 303 8.51 -2.03 -13.84
C PRO B 303 8.96 -1.31 -12.58
N GLY B 304 8.34 -0.16 -12.33
CA GLY B 304 8.73 0.65 -11.20
C GLY B 304 8.39 0.04 -9.85
N GLY B 305 9.27 0.32 -8.88
CA GLY B 305 9.00 0.05 -7.49
C GLY B 305 8.32 1.22 -6.78
N GLY B 306 7.88 0.96 -5.56
CA GLY B 306 7.36 2.02 -4.71
C GLY B 306 8.47 2.94 -4.22
N GLN B 307 8.22 4.25 -4.30
CA GLN B 307 9.06 5.29 -3.71
C GLN B 307 8.26 6.08 -2.69
N VAL B 308 8.76 6.14 -1.45
CA VAL B 308 8.23 7.02 -0.42
C VAL B 308 9.33 7.97 0.01
N GLU B 309 9.08 9.27 -0.16
CA GLU B 309 9.99 10.32 0.27
C GLU B 309 9.26 11.29 1.18
N VAL B 310 9.79 11.49 2.38
CA VAL B 310 9.34 12.54 3.30
C VAL B 310 10.52 13.49 3.50
N LYS B 311 10.31 14.77 3.21
CA LYS B 311 11.31 15.80 3.41
C LYS B 311 10.74 16.90 4.29
N SER B 312 11.43 17.19 5.40
CA SER B 312 11.20 18.41 6.17
C SER B 312 12.42 19.30 6.05
N GLU B 313 12.24 20.48 5.48
CA GLU B 313 13.37 21.40 5.31
C GLU B 313 13.63 22.23 6.56
N LYS B 314 12.60 22.85 7.12
CA LYS B 314 12.68 23.50 8.43
C LYS B 314 11.45 23.17 9.25
N LEU B 315 11.64 22.92 10.54
CA LEU B 315 10.54 22.67 11.46
C LEU B 315 10.93 23.11 12.86
N ASP B 316 10.16 24.05 13.42
CA ASP B 316 10.44 24.62 14.74
C ASP B 316 9.22 24.47 15.63
N PHE B 317 9.46 24.02 16.86
CA PHE B 317 8.52 24.07 17.98
C PHE B 317 9.07 25.00 19.05
N LYS B 318 8.36 26.09 19.31
CA LYS B 318 8.87 27.15 20.13
C LYS B 318 8.33 27.09 21.55
N ASP B 319 7.48 26.11 21.87
CA ASP B 319 6.97 25.90 23.21
C ASP B 319 6.82 24.39 23.39
N ARG B 320 6.34 24.01 24.58
CA ARG B 320 6.33 22.61 24.98
C ARG B 320 5.52 21.74 24.02
N VAL B 321 6.08 20.59 23.68
CA VAL B 321 5.40 19.54 22.95
C VAL B 321 5.13 18.42 23.96
N GLN B 322 3.85 18.11 24.16
CA GLN B 322 3.42 17.38 25.34
C GLN B 322 2.31 16.41 24.94
N SER B 323 2.55 15.11 25.14
CA SER B 323 1.52 14.08 24.99
C SER B 323 1.24 13.38 26.31
N LYS B 324 -0.03 13.30 26.68
CA LYS B 324 -0.48 12.52 27.83
C LYS B 324 -1.46 11.48 27.32
N ILE B 325 -1.11 10.20 27.49
CA ILE B 325 -1.92 9.09 27.00
C ILE B 325 -2.31 8.23 28.18
N GLY B 326 -3.62 8.11 28.41
CA GLY B 326 -4.11 7.15 29.37
C GLY B 326 -4.07 5.73 28.86
N SER B 327 -4.58 5.53 27.64
CA SER B 327 -4.41 4.29 26.93
C SER B 327 -4.61 4.53 25.45
N LEU B 328 -4.26 3.51 24.66
CA LEU B 328 -4.71 3.37 23.28
C LEU B 328 -5.36 2.01 23.15
N ASP B 329 -6.39 1.93 22.32
CA ASP B 329 -6.83 0.69 21.65
C ASP B 329 -7.13 -0.44 22.65
N ASN B 330 -8.04 -0.20 23.59
CA ASN B 330 -8.39 -1.29 24.50
C ASN B 330 -9.31 -2.33 23.85
N ILE B 331 -9.09 -3.58 24.26
CA ILE B 331 -9.94 -4.74 23.97
C ILE B 331 -10.23 -5.52 25.24
N THR B 332 -11.46 -6.05 25.34
CA THR B 332 -11.94 -6.74 26.52
C THR B 332 -12.95 -7.81 26.09
N HIS B 333 -12.94 -8.92 26.83
CA HIS B 333 -13.84 -10.04 26.60
C HIS B 333 -14.49 -10.44 27.92
N ILE C 248 -19.16 -39.75 -14.11
CA ILE C 248 -18.77 -38.36 -14.00
C ILE C 248 -17.33 -38.20 -14.49
N ILE C 249 -17.14 -37.30 -15.45
CA ILE C 249 -15.83 -36.77 -15.83
C ILE C 249 -15.86 -35.27 -15.58
N ASN C 250 -14.94 -34.79 -14.75
CA ASN C 250 -14.71 -33.37 -14.50
C ASN C 250 -13.30 -33.00 -14.95
N LYS C 251 -13.20 -32.09 -15.92
CA LYS C 251 -11.95 -31.66 -16.52
C LYS C 251 -11.91 -30.15 -16.57
N LYS C 252 -10.85 -29.53 -16.02
CA LYS C 252 -10.61 -28.12 -16.23
C LYS C 252 -9.15 -27.75 -16.46
N LEU C 253 -8.95 -26.70 -17.25
CA LEU C 253 -7.72 -25.92 -17.30
C LEU C 253 -8.00 -24.58 -16.61
N ASP C 254 -7.33 -24.35 -15.49
CA ASP C 254 -7.41 -23.12 -14.72
C ASP C 254 -6.15 -22.31 -14.98
N LEU C 255 -6.27 -21.36 -15.91
CA LEU C 255 -5.19 -20.49 -16.34
C LEU C 255 -5.48 -19.04 -15.95
N SER C 256 -6.23 -18.88 -14.86
CA SER C 256 -6.86 -17.65 -14.43
C SER C 256 -5.94 -16.82 -13.55
N ASN C 257 -6.33 -15.55 -13.37
CA ASN C 257 -5.75 -14.65 -12.39
C ASN C 257 -6.88 -14.12 -11.52
N VAL C 258 -6.73 -14.22 -10.20
CA VAL C 258 -7.77 -13.84 -9.25
C VAL C 258 -7.19 -12.97 -8.13
N GLN C 259 -7.85 -11.86 -7.86
CA GLN C 259 -7.77 -11.14 -6.60
C GLN C 259 -9.14 -11.21 -5.91
N SER C 260 -9.16 -11.68 -4.66
CA SER C 260 -10.40 -11.82 -3.91
C SER C 260 -10.27 -11.23 -2.52
N LYS C 261 -11.23 -10.36 -2.16
CA LYS C 261 -11.29 -9.69 -0.86
C LYS C 261 -10.00 -8.94 -0.51
N CYS C 262 -9.27 -8.51 -1.53
CA CYS C 262 -8.02 -7.81 -1.35
C CYS C 262 -8.25 -6.33 -1.09
N GLY C 263 -7.42 -5.78 -0.21
CA GLY C 263 -7.46 -4.35 0.07
C GLY C 263 -8.76 -3.82 0.64
N SER C 264 -9.51 -4.64 1.36
CA SER C 264 -10.86 -4.33 1.78
C SER C 264 -10.98 -4.19 3.30
N LYS C 265 -12.04 -3.50 3.71
CA LYS C 265 -12.40 -3.28 5.12
C LYS C 265 -11.30 -2.60 5.93
N ASP C 266 -10.48 -1.77 5.29
CA ASP C 266 -9.55 -0.95 6.04
C ASP C 266 -10.28 0.15 6.78
N ASN C 267 -9.93 0.34 8.06
CA ASN C 267 -10.45 1.39 8.92
C ASN C 267 -9.39 2.48 9.10
N ILE C 268 -9.53 3.59 8.38
CA ILE C 268 -8.49 4.63 8.27
C ILE C 268 -8.95 5.90 8.98
N LYS C 269 -8.21 6.30 10.02
CA LYS C 269 -8.53 7.44 10.85
C LYS C 269 -7.35 8.40 10.86
N HIS C 270 -7.61 9.69 10.61
CA HIS C 270 -6.64 10.77 10.80
C HIS C 270 -7.27 11.84 11.69
N VAL C 271 -6.77 12.03 12.91
CA VAL C 271 -7.35 12.93 13.91
C VAL C 271 -6.30 13.88 14.49
N PRO C 272 -5.71 14.75 13.67
CA PRO C 272 -4.66 15.65 14.15
C PRO C 272 -5.20 16.86 14.90
N GLY C 273 -4.34 17.41 15.74
CA GLY C 273 -4.52 18.79 16.16
C GLY C 273 -4.35 19.74 15.00
N GLY C 274 -3.19 19.71 14.35
CA GLY C 274 -3.05 20.42 13.10
C GLY C 274 -1.71 20.21 12.45
N GLY C 275 -1.63 20.57 11.18
CA GLY C 275 -0.37 20.53 10.45
C GLY C 275 0.12 19.13 10.21
N SER C 276 -0.72 18.26 9.65
CA SER C 276 -0.43 16.84 9.61
C SER C 276 -0.95 16.22 8.34
N VAL C 277 -0.23 15.20 7.86
CA VAL C 277 -0.52 14.51 6.61
C VAL C 277 -0.64 13.02 6.91
N GLN C 278 -1.72 12.40 6.46
CA GLN C 278 -1.82 10.95 6.36
C GLN C 278 -2.02 10.57 4.90
N ILE C 279 -1.14 9.74 4.35
CA ILE C 279 -1.34 9.16 3.03
C ILE C 279 -1.42 7.64 3.18
N VAL C 280 -2.54 7.06 2.77
CA VAL C 280 -2.66 5.62 2.59
C VAL C 280 -2.72 5.36 1.09
N TYR C 281 -1.68 4.76 0.54
CA TYR C 281 -1.58 4.47 -0.87
C TYR C 281 -1.87 2.98 -1.04
N LYS C 282 -3.06 2.63 -1.54
CA LYS C 282 -3.50 1.24 -1.50
C LYS C 282 -4.25 0.79 -2.76
N PRO C 283 -3.67 0.96 -3.94
CA PRO C 283 -4.31 0.47 -5.16
C PRO C 283 -4.40 -1.04 -5.15
N VAL C 284 -5.46 -1.57 -5.74
CA VAL C 284 -5.58 -3.00 -6.04
C VAL C 284 -5.57 -3.17 -7.55
N ASP C 285 -4.49 -3.73 -8.08
CA ASP C 285 -4.22 -3.78 -9.51
C ASP C 285 -4.03 -5.23 -9.94
N LEU C 286 -4.79 -5.67 -10.93
CA LEU C 286 -4.57 -6.91 -11.66
C LEU C 286 -4.20 -6.57 -13.10
N SER C 287 -2.97 -6.87 -13.49
CA SER C 287 -2.46 -6.64 -14.85
C SER C 287 -2.08 -7.95 -15.52
N LYS C 288 -2.69 -8.25 -16.67
CA LYS C 288 -2.21 -9.28 -17.59
C LYS C 288 -1.74 -8.61 -18.88
N VAL C 289 -0.48 -8.83 -19.23
CA VAL C 289 0.17 -8.22 -20.40
C VAL C 289 0.85 -9.31 -21.22
N THR C 290 0.49 -9.43 -22.50
CA THR C 290 1.04 -10.45 -23.42
C THR C 290 1.59 -9.81 -24.70
N SER C 291 2.62 -8.99 -24.56
CA SER C 291 3.28 -8.34 -25.70
C SER C 291 4.09 -9.31 -26.55
N LYS C 292 3.76 -9.40 -27.85
CA LYS C 292 4.50 -10.22 -28.82
C LYS C 292 5.07 -9.29 -29.88
N CYS C 293 6.39 -9.33 -30.07
CA CYS C 293 7.09 -8.38 -30.95
C CYS C 293 8.04 -9.08 -31.92
N GLY C 294 7.63 -9.20 -33.18
CA GLY C 294 8.43 -9.80 -34.21
C GLY C 294 9.10 -8.78 -35.11
N SER C 295 9.82 -9.30 -36.10
CA SER C 295 10.53 -8.53 -37.14
C SER C 295 11.41 -7.42 -36.56
N LEU C 296 11.21 -6.15 -36.92
CA LEU C 296 11.89 -5.01 -36.32
C LEU C 296 10.94 -4.10 -35.56
N GLY C 297 9.85 -4.66 -35.05
CA GLY C 297 8.89 -3.90 -34.28
C GLY C 297 9.46 -3.39 -32.98
N ASN C 298 8.76 -2.41 -32.42
CA ASN C 298 8.97 -1.97 -31.05
C ASN C 298 7.63 -1.97 -30.32
N ILE C 299 7.63 -2.50 -29.10
CA ILE C 299 6.56 -2.32 -28.13
C ILE C 299 7.13 -1.55 -26.94
N HIS C 300 6.52 -0.42 -26.64
CA HIS C 300 6.74 0.32 -25.40
C HIS C 300 5.47 0.17 -24.56
N HIS C 301 5.61 -0.46 -23.39
CA HIS C 301 4.52 -0.65 -22.44
C HIS C 301 4.83 0.12 -21.15
N LYS C 302 4.33 1.34 -21.06
CA LYS C 302 4.69 2.28 -20.00
C LYS C 302 3.48 2.96 -19.36
N PRO C 303 2.44 2.19 -18.96
CA PRO C 303 1.31 2.81 -18.27
C PRO C 303 1.73 3.51 -16.98
N GLY C 304 1.10 4.65 -16.71
CA GLY C 304 1.45 5.43 -15.55
C GLY C 304 1.12 4.78 -14.23
N GLY C 305 1.98 5.05 -13.24
CA GLY C 305 1.69 4.74 -11.86
C GLY C 305 0.99 5.88 -11.13
N GLY C 306 0.53 5.57 -9.93
CA GLY C 306 -0.01 6.61 -9.05
C GLY C 306 1.07 7.54 -8.53
N GLN C 307 0.80 8.85 -8.58
CA GLN C 307 1.61 9.87 -7.96
C GLN C 307 0.79 10.63 -6.93
N VAL C 308 1.28 10.67 -5.69
CA VAL C 308 0.71 11.52 -4.63
C VAL C 308 1.80 12.47 -4.16
N GLU C 309 1.54 13.78 -4.31
CA GLU C 309 2.42 14.83 -3.84
C GLU C 309 1.65 15.77 -2.92
N VAL C 310 2.17 15.95 -1.71
CA VAL C 310 1.70 16.97 -0.77
C VAL C 310 2.85 17.92 -0.52
N LYS C 311 2.61 19.21 -0.79
CA LYS C 311 3.60 20.26 -0.55
C LYS C 311 3.00 21.32 0.35
N SER C 312 3.67 21.60 1.46
CA SER C 312 3.41 22.79 2.27
C SER C 312 4.62 23.70 2.19
N GLU C 313 4.43 24.90 1.64
CA GLU C 313 5.54 25.84 1.50
C GLU C 313 5.77 26.65 2.77
N LYS C 314 4.72 27.22 3.35
CA LYS C 314 4.77 27.85 4.67
C LYS C 314 3.54 27.49 5.46
N LEU C 315 3.73 27.21 6.76
CA LEU C 315 2.62 26.91 7.65
C LEU C 315 2.98 27.32 9.07
N ASP C 316 2.20 28.24 9.64
CA ASP C 316 2.44 28.78 10.98
C ASP C 316 1.22 28.57 11.86
N PHE C 317 1.46 28.10 13.08
CA PHE C 317 0.50 28.11 14.18
C PHE C 317 1.02 29.03 15.28
N LYS C 318 0.29 30.09 15.55
CA LYS C 318 0.77 31.15 16.42
C LYS C 318 0.22 31.04 17.83
N ASP C 319 -0.63 30.05 18.10
CA ASP C 319 -1.14 29.78 19.43
C ASP C 319 -1.26 28.27 19.58
N ARG C 320 -1.75 27.85 20.74
CA ARG C 320 -1.75 26.43 21.11
C ARG C 320 -2.53 25.58 20.12
N VAL C 321 -1.94 24.45 19.76
CA VAL C 321 -2.60 23.40 19.01
C VAL C 321 -2.86 22.26 19.98
N GLN C 322 -4.13 21.92 20.16
CA GLN C 322 -4.57 21.14 21.31
C GLN C 322 -5.65 20.17 20.88
N SER C 323 -5.39 18.87 21.05
CA SER C 323 -6.40 17.83 20.86
C SER C 323 -6.68 17.09 22.16
N LYS C 324 -7.95 16.98 22.52
CA LYS C 324 -8.41 16.17 23.64
C LYS C 324 -9.37 15.12 23.09
N ILE C 325 -8.99 13.85 23.24
CA ILE C 325 -9.77 12.73 22.71
C ILE C 325 -10.17 11.83 23.86
N GLY C 326 -11.47 11.69 24.07
CA GLY C 326 -11.96 10.70 25.01
C GLY C 326 -11.89 9.29 24.46
N SER C 327 -12.37 9.11 23.23
CA SER C 327 -12.17 7.89 22.49
C SER C 327 -12.37 8.16 21.01
N LEU C 328 -11.99 7.18 20.20
CA LEU C 328 -12.42 7.07 18.82
C LEU C 328 -13.04 5.69 18.65
N ASP C 329 -14.08 5.62 17.80
CA ASP C 329 -14.47 4.38 17.10
C ASP C 329 -14.77 3.22 18.05
N ASN C 330 -15.69 3.42 18.99
CA ASN C 330 -16.04 2.31 19.88
C ASN C 330 -16.92 1.27 19.19
N ILE C 331 -16.70 0.01 19.57
CA ILE C 331 -17.52 -1.15 19.24
C ILE C 331 -17.81 -1.96 20.49
N THR C 332 -19.02 -2.53 20.56
CA THR C 332 -19.50 -3.25 21.72
C THR C 332 -20.49 -4.33 21.26
N HIS C 333 -20.48 -5.45 21.96
CA HIS C 333 -21.35 -6.59 21.70
C HIS C 333 -22.01 -7.02 23.00
#